data_5C4Q
#
_entry.id   5C4Q
#
_cell.length_a   88.916
_cell.length_b   34.385
_cell.length_c   86.463
_cell.angle_alpha   90.000
_cell.angle_beta   117.580
_cell.angle_gamma   90.000
#
_symmetry.space_group_name_H-M   'C 1 2 1'
#
loop_
_entity.id
_entity.type
_entity.pdbx_description
1 polymer Bromodomain
2 non-polymer Bromosporine
3 non-polymer 'UNKNOWN ATOM OR ION'
4 water water
#
_entity_poly.entity_id   1
_entity_poly.type   'polypeptide(L)'
_entity_poly.pdbx_seq_one_letter_code
;MDVSKRPREEFHKEQCLSFVKKLWAADTLAMFHYPVSATEVPGYYDVVDTPMDLSTIRKNIEQGKYRTDTEVENDVVLML
SNALDFNEKGSQWHDLAKQLKKRYLTLAQESGLSFDADQAFIPTK
;
_entity_poly.pdbx_strand_id   A,B
#
# COMPACT_ATOMS: atom_id res chain seq x y z
N MET A 1 -2.39 -5.69 10.77
CA MET A 1 -2.12 -5.51 9.33
C MET A 1 -2.03 -6.85 8.62
N ASP A 2 -1.43 -7.84 9.28
CA ASP A 2 -1.16 -9.16 8.70
C ASP A 2 -0.50 -9.06 7.33
N VAL A 3 0.60 -8.32 7.27
CA VAL A 3 1.31 -8.09 6.02
C VAL A 3 1.86 -9.40 5.45
N SER A 4 2.13 -10.35 6.33
CA SER A 4 2.64 -11.65 5.90
C SER A 4 1.62 -12.38 5.05
N LYS A 5 0.34 -12.06 5.23
CA LYS A 5 -0.72 -12.75 4.52
C LYS A 5 -0.95 -12.20 3.10
N ARG A 6 -0.18 -11.19 2.72
CA ARG A 6 -0.26 -10.63 1.36
C ARG A 6 0.52 -11.50 0.39
N PRO A 7 0.20 -11.42 -0.91
CA PRO A 7 1.06 -12.12 -1.88
C PRO A 7 2.42 -11.42 -2.03
N ARG A 8 3.38 -12.12 -2.63
CA ARG A 8 4.70 -11.55 -2.82
C ARG A 8 4.66 -10.33 -3.73
N GLU A 9 3.70 -10.30 -4.66
CA GLU A 9 3.54 -9.12 -5.53
C GLU A 9 2.09 -8.67 -5.58
N GLU A 10 1.80 -7.50 -5.01
CA GLU A 10 0.47 -6.93 -5.05
C GLU A 10 0.27 -5.96 -6.20
N PHE A 11 1.37 -5.58 -6.83
CA PHE A 11 1.35 -4.60 -7.90
C PHE A 11 2.11 -5.10 -9.10
N HIS A 12 1.41 -5.29 -10.22
CA HIS A 12 2.05 -5.79 -11.43
C HIS A 12 2.11 -4.70 -12.46
N LYS A 13 3.24 -4.01 -12.51
CA LYS A 13 3.39 -2.81 -13.35
C LYS A 13 3.05 -3.06 -14.81
N GLU A 14 3.63 -4.10 -15.40
CA GLU A 14 3.46 -4.35 -16.83
C GLU A 14 2.01 -4.65 -17.17
N GLN A 15 1.36 -5.48 -16.38
CA GLN A 15 -0.03 -5.80 -16.63
C GLN A 15 -0.94 -4.58 -16.46
N CYS A 16 -0.68 -3.76 -15.45
CA CYS A 16 -1.46 -2.52 -15.25
C CYS A 16 -1.30 -1.58 -16.43
N LEU A 17 -0.10 -1.48 -16.99
CA LEU A 17 0.11 -0.62 -18.15
C LEU A 17 -0.61 -1.22 -19.36
N SER A 18 -0.55 -2.54 -19.50
CA SER A 18 -1.26 -3.21 -20.60
C SER A 18 -2.77 -2.97 -20.53
N PHE A 19 -3.32 -3.14 -19.33
CA PHE A 19 -4.71 -2.80 -18.99
C PHE A 19 -5.09 -1.38 -19.43
N VAL A 20 -4.24 -0.41 -19.12
CA VAL A 20 -4.49 0.99 -19.48
C VAL A 20 -4.41 1.19 -20.99
N LYS A 21 -3.44 0.55 -21.64
CA LYS A 21 -3.35 0.62 -23.10
C LYS A 21 -4.63 0.10 -23.77
N LYS A 22 -5.27 -0.90 -23.18
CA LYS A 22 -6.53 -1.42 -23.75
C LYS A 22 -7.66 -0.42 -23.52
N LEU A 23 -7.71 0.15 -22.33
CA LEU A 23 -8.70 1.20 -22.03
C LEU A 23 -8.50 2.38 -22.96
N TRP A 24 -7.25 2.75 -23.18
CA TRP A 24 -6.90 3.88 -24.04
C TRP A 24 -7.49 3.71 -25.45
N ALA A 25 -7.35 2.50 -25.98
CA ALA A 25 -7.82 2.16 -27.32
C ALA A 25 -9.34 2.01 -27.40
N ALA A 26 -9.93 1.46 -26.34
CA ALA A 26 -11.37 1.29 -26.22
C ALA A 26 -12.09 2.63 -26.09
N ASP A 27 -11.34 3.64 -25.70
CA ASP A 27 -11.86 4.98 -25.57
C ASP A 27 -12.02 5.59 -26.95
N THR A 28 -13.17 5.33 -27.58
CA THR A 28 -13.39 5.72 -28.98
C THR A 28 -13.48 7.22 -29.22
N LEU A 29 -13.69 8.00 -28.15
CA LEU A 29 -13.81 9.44 -28.28
C LEU A 29 -12.56 10.18 -27.80
N ALA A 30 -11.57 9.42 -27.32
CA ALA A 30 -10.39 9.99 -26.67
C ALA A 30 -10.78 10.88 -25.50
N MET A 31 -11.89 10.55 -24.84
CA MET A 31 -12.39 11.47 -23.83
C MET A 31 -11.64 11.29 -22.50
N PHE A 32 -11.08 10.12 -22.29
CA PHE A 32 -10.47 9.80 -21.00
C PHE A 32 -8.95 9.93 -21.01
N HIS A 33 -8.39 10.35 -22.14
CA HIS A 33 -6.95 10.32 -22.34
C HIS A 33 -6.14 11.31 -21.48
N TYR A 34 -6.66 12.52 -21.25
CA TYR A 34 -5.94 13.57 -20.51
C TYR A 34 -6.84 14.23 -19.50
N PRO A 35 -6.27 14.89 -18.48
CA PRO A 35 -7.10 15.73 -17.61
C PRO A 35 -7.93 16.70 -18.45
N VAL A 36 -9.17 16.94 -18.05
CA VAL A 36 -10.05 17.79 -18.81
C VAL A 36 -9.57 19.24 -18.80
N SER A 37 -9.52 19.88 -19.97
CA SER A 37 -9.28 21.32 -20.02
C SER A 37 -10.61 22.05 -19.92
N ALA A 38 -10.72 22.90 -18.90
CA ALA A 38 -11.92 23.70 -18.64
C ALA A 38 -12.39 24.45 -19.87
N THR A 39 -11.44 24.92 -20.67
CA THR A 39 -11.78 25.69 -21.86
C THR A 39 -12.42 24.82 -22.95
N GLU A 40 -12.21 23.51 -22.88
CA GLU A 40 -12.79 22.60 -23.88
C GLU A 40 -14.08 21.96 -23.36
N VAL A 41 -14.19 21.87 -22.04
CA VAL A 41 -15.39 21.36 -21.40
C VAL A 41 -15.77 22.34 -20.31
N PRO A 42 -16.46 23.42 -20.68
CA PRO A 42 -16.78 24.46 -19.71
C PRO A 42 -17.64 23.93 -18.56
N GLY A 43 -17.28 24.36 -17.36
CA GLY A 43 -18.00 23.98 -16.16
C GLY A 43 -17.60 22.63 -15.59
N TYR A 44 -16.70 21.94 -16.28
CA TYR A 44 -16.38 20.56 -15.90
C TYR A 44 -16.02 20.44 -14.42
N TYR A 45 -15.13 21.29 -13.94
CA TYR A 45 -14.67 21.19 -12.56
C TYR A 45 -15.64 21.84 -11.57
N ASP A 46 -16.73 22.40 -12.08
CA ASP A 46 -17.85 22.84 -11.25
C ASP A 46 -18.71 21.66 -10.81
N VAL A 47 -18.60 20.55 -11.54
CA VAL A 47 -19.28 19.31 -11.16
C VAL A 47 -18.30 18.35 -10.49
N VAL A 48 -17.21 18.04 -11.20
CA VAL A 48 -16.27 17.01 -10.78
C VAL A 48 -15.28 17.48 -9.70
N ASP A 49 -15.38 16.87 -8.51
CA ASP A 49 -14.55 17.22 -7.34
C ASP A 49 -13.18 16.50 -7.36
N THR A 50 -13.19 15.30 -7.92
CA THR A 50 -12.05 14.40 -7.90
C THR A 50 -11.75 13.89 -9.31
N PRO A 51 -11.08 14.70 -10.12
CA PRO A 51 -10.88 14.26 -11.51
C PRO A 51 -9.88 13.10 -11.62
N MET A 52 -10.01 12.31 -12.67
CA MET A 52 -9.11 11.20 -12.92
C MET A 52 -9.13 10.95 -14.42
N ASP A 53 -7.98 10.59 -14.97
CA ASP A 53 -7.88 10.32 -16.39
C ASP A 53 -6.81 9.24 -16.62
N LEU A 54 -6.73 8.73 -17.84
CA LEU A 54 -5.85 7.59 -18.10
C LEU A 54 -4.38 7.98 -18.05
N SER A 55 -4.05 9.21 -18.44
CA SER A 55 -2.65 9.62 -18.40
C SER A 55 -2.18 9.74 -16.95
N THR A 56 -3.05 10.25 -16.08
CA THR A 56 -2.71 10.36 -14.68
C THR A 56 -2.51 8.96 -14.13
N ILE A 57 -3.37 8.02 -14.52
CA ILE A 57 -3.27 6.66 -14.03
C ILE A 57 -1.95 6.05 -14.54
N ARG A 58 -1.68 6.28 -15.81
CA ARG A 58 -0.47 5.77 -16.44
C ARG A 58 0.78 6.32 -15.73
N LYS A 59 0.76 7.60 -15.41
CA LYS A 59 1.85 8.25 -14.67
C LYS A 59 2.03 7.67 -13.27
N ASN A 60 0.92 7.46 -12.57
CA ASN A 60 0.96 6.86 -11.24
C ASN A 60 1.51 5.44 -11.28
N ILE A 61 1.26 4.74 -12.39
CA ILE A 61 1.80 3.39 -12.55
C ILE A 61 3.29 3.44 -12.81
N GLU A 62 3.68 4.23 -13.81
CA GLU A 62 5.06 4.34 -14.23
C GLU A 62 5.97 4.78 -13.09
N GLN A 63 5.48 5.69 -12.25
CA GLN A 63 6.27 6.20 -11.14
C GLN A 63 6.17 5.31 -9.90
N GLY A 64 5.40 4.24 -9.99
CA GLY A 64 5.21 3.32 -8.86
C GLY A 64 4.50 3.88 -7.64
N LYS A 65 3.57 4.81 -7.83
CA LYS A 65 2.87 5.37 -6.68
C LYS A 65 1.68 4.50 -6.23
N TYR A 66 1.16 3.66 -7.13
CA TYR A 66 0.17 2.66 -6.73
C TYR A 66 0.78 1.59 -5.83
N ARG A 67 0.06 1.18 -4.79
CA ARG A 67 0.54 0.14 -3.88
C ARG A 67 0.07 -1.25 -4.32
N THR A 68 -1.10 -1.30 -4.95
CA THR A 68 -1.72 -2.56 -5.37
C THR A 68 -2.42 -2.41 -6.72
N ASP A 69 -2.60 -3.53 -7.40
CA ASP A 69 -3.37 -3.54 -8.64
C ASP A 69 -4.78 -2.99 -8.40
N THR A 70 -5.34 -3.28 -7.23
CA THR A 70 -6.73 -2.90 -6.99
C THR A 70 -6.89 -1.38 -6.86
N GLU A 71 -5.84 -0.68 -6.43
CA GLU A 71 -5.89 0.79 -6.46
C GLU A 71 -6.05 1.30 -7.87
N VAL A 72 -5.49 0.57 -8.83
CA VAL A 72 -5.63 0.97 -10.23
C VAL A 72 -7.10 0.81 -10.66
N GLU A 73 -7.72 -0.33 -10.33
CA GLU A 73 -9.15 -0.49 -10.59
C GLU A 73 -9.96 0.66 -9.97
N ASN A 74 -9.62 1.05 -8.75
CA ASN A 74 -10.38 2.09 -8.06
C ASN A 74 -10.34 3.41 -8.82
N ASP A 75 -9.18 3.77 -9.36
CA ASP A 75 -9.10 5.03 -10.13
C ASP A 75 -9.77 4.93 -11.48
N VAL A 76 -9.79 3.75 -12.08
CA VAL A 76 -10.51 3.59 -13.35
C VAL A 76 -12.01 3.79 -13.11
N VAL A 77 -12.51 3.18 -12.03
CA VAL A 77 -13.91 3.29 -11.65
C VAL A 77 -14.28 4.74 -11.32
N LEU A 78 -13.41 5.45 -10.60
CA LEU A 78 -13.62 6.86 -10.33
C LEU A 78 -13.74 7.64 -11.64
N MET A 79 -12.79 7.41 -12.53
CA MET A 79 -12.76 8.07 -13.82
C MET A 79 -14.08 7.89 -14.56
N LEU A 80 -14.56 6.66 -14.63
CA LEU A 80 -15.77 6.38 -15.40
C LEU A 80 -16.99 7.00 -14.72
N SER A 81 -16.97 6.98 -13.38
CA SER A 81 -18.05 7.53 -12.58
CA SER A 81 -18.05 7.54 -12.58
C SER A 81 -18.21 9.03 -12.81
N ASN A 82 -17.09 9.74 -12.85
CA ASN A 82 -17.10 11.17 -13.16
C ASN A 82 -17.81 11.46 -14.48
N ALA A 83 -17.56 10.62 -15.48
CA ALA A 83 -18.14 10.82 -16.80
C ALA A 83 -19.63 10.55 -16.76
N LEU A 84 -20.04 9.55 -16.00
CA LEU A 84 -21.44 9.19 -15.94
C LEU A 84 -22.20 10.27 -15.21
N ASP A 85 -21.53 10.96 -14.30
CA ASP A 85 -22.16 11.99 -13.49
C ASP A 85 -22.25 13.29 -14.27
N PHE A 86 -21.14 13.71 -14.83
CA PHE A 86 -21.09 14.97 -15.57
C PHE A 86 -22.01 14.97 -16.77
N ASN A 87 -22.04 13.86 -17.50
CA ASN A 87 -22.71 13.84 -18.77
C ASN A 87 -24.17 13.45 -18.70
N GLU A 88 -24.95 13.89 -19.68
CA GLU A 88 -26.36 13.57 -19.74
C GLU A 88 -26.55 12.23 -20.43
N LYS A 89 -27.47 11.42 -19.89
CA LYS A 89 -27.81 10.14 -20.50
C LYS A 89 -28.11 10.34 -21.98
N GLY A 90 -27.71 9.37 -22.79
CA GLY A 90 -27.97 9.42 -24.21
C GLY A 90 -26.91 10.19 -24.98
N SER A 91 -26.02 10.88 -24.29
CA SER A 91 -24.94 11.60 -24.96
C SER A 91 -23.82 10.63 -25.32
N GLN A 92 -23.06 10.95 -26.36
CA GLN A 92 -22.00 10.06 -26.79
C GLN A 92 -20.99 9.85 -25.66
N TRP A 93 -20.78 10.91 -24.89
CA TRP A 93 -19.87 10.87 -23.73
C TRP A 93 -20.36 9.86 -22.66
N HIS A 94 -21.62 9.97 -22.30
CA HIS A 94 -22.23 9.09 -21.31
C HIS A 94 -22.28 7.63 -21.80
N ASP A 95 -22.65 7.45 -23.07
CA ASP A 95 -22.75 6.11 -23.65
C ASP A 95 -21.41 5.37 -23.53
N LEU A 96 -20.33 6.05 -23.90
CA LEU A 96 -19.00 5.45 -23.85
C LEU A 96 -18.63 5.04 -22.43
N ALA A 97 -18.84 5.94 -21.49
CA ALA A 97 -18.52 5.68 -20.10
C ALA A 97 -19.28 4.43 -19.65
N LYS A 98 -20.52 4.30 -20.10
CA LYS A 98 -21.34 3.12 -19.78
C LYS A 98 -20.71 1.85 -20.35
N GLN A 99 -20.35 1.87 -21.64
CA GLN A 99 -19.70 0.74 -22.27
C GLN A 99 -18.42 0.34 -21.53
N LEU A 100 -17.62 1.33 -21.17
CA LEU A 100 -16.35 1.02 -20.54
C LEU A 100 -16.58 0.47 -19.12
N LYS A 101 -17.59 0.98 -18.42
CA LYS A 101 -17.92 0.44 -17.10
C LYS A 101 -18.35 -1.04 -17.20
N LYS A 102 -19.06 -1.39 -18.27
CA LYS A 102 -19.49 -2.78 -18.47
C LYS A 102 -18.32 -3.68 -18.85
N ARG A 103 -17.32 -3.09 -19.50
CA ARG A 103 -16.27 -3.90 -20.13
C ARG A 103 -14.92 -3.97 -19.42
N TYR A 104 -14.61 -3.04 -18.54
CA TYR A 104 -13.22 -2.95 -18.05
C TYR A 104 -12.72 -4.20 -17.33
N LEU A 105 -13.62 -4.90 -16.65
CA LEU A 105 -13.22 -6.12 -15.96
C LEU A 105 -12.67 -7.13 -16.96
N THR A 106 -13.31 -7.24 -18.12
CA THR A 106 -12.77 -8.11 -19.15
C THR A 106 -11.41 -7.64 -19.63
N LEU A 107 -11.22 -6.32 -19.77
CA LEU A 107 -9.95 -5.80 -20.24
C LEU A 107 -8.86 -6.13 -19.23
N ALA A 108 -9.22 -6.02 -17.96
CA ALA A 108 -8.29 -6.35 -16.89
C ALA A 108 -7.93 -7.83 -16.96
N GLN A 109 -8.92 -8.69 -17.13
CA GLN A 109 -8.67 -10.12 -17.28
C GLN A 109 -7.71 -10.41 -18.43
N GLU A 110 -8.00 -9.82 -19.58
CA GLU A 110 -7.22 -10.04 -20.80
C GLU A 110 -5.81 -9.49 -20.68
N SER A 111 -5.60 -8.62 -19.69
CA SER A 111 -4.28 -8.08 -19.41
C SER A 111 -3.60 -8.86 -18.29
N GLY A 112 -4.26 -9.92 -17.83
CA GLY A 112 -3.68 -10.79 -16.82
C GLY A 112 -3.82 -10.25 -15.41
N LEU A 113 -4.70 -9.27 -15.23
CA LEU A 113 -4.93 -8.66 -13.92
C LEU A 113 -6.04 -9.34 -13.16
N SER A 114 -5.91 -9.32 -11.83
CA SER A 114 -6.92 -9.90 -10.96
C SER A 114 -7.07 -9.02 -9.74
N PHE A 115 -8.17 -8.30 -9.67
CA PHE A 115 -8.39 -7.39 -8.56
C PHE A 115 -8.95 -8.10 -7.33
N ASP A 116 -8.86 -7.41 -6.20
CA ASP A 116 -9.32 -7.94 -4.91
C ASP A 116 -10.73 -7.44 -4.65
N ALA A 117 -11.68 -8.35 -4.48
CA ALA A 117 -13.08 -7.96 -4.21
C ALA A 117 -13.23 -7.21 -2.88
N ASP A 118 -12.24 -7.36 -1.99
CA ASP A 118 -12.30 -6.71 -0.69
C ASP A 118 -11.53 -5.38 -0.66
N ASP B 2 -4.94 12.27 -4.30
CA ASP B 2 -4.81 10.95 -3.68
C ASP B 2 -3.50 10.27 -4.07
N VAL B 3 -3.57 9.26 -4.94
CA VAL B 3 -2.37 8.49 -5.24
C VAL B 3 -1.22 9.39 -5.75
N SER B 4 -1.56 10.39 -6.55
CA SER B 4 -0.53 11.24 -7.14
C SER B 4 0.21 12.10 -6.09
N LYS B 5 -0.41 12.33 -4.94
CA LYS B 5 0.21 13.10 -3.87
C LYS B 5 1.33 12.32 -3.16
N ARG B 6 1.33 11.00 -3.32
CA ARG B 6 2.36 10.16 -2.70
C ARG B 6 3.73 10.42 -3.30
N PRO B 7 4.81 10.19 -2.52
CA PRO B 7 6.15 10.27 -3.13
C PRO B 7 6.41 9.07 -4.02
N ARG B 8 7.44 9.15 -4.86
CA ARG B 8 7.72 8.07 -5.80
C ARG B 8 8.13 6.79 -5.11
N GLU B 9 8.82 6.90 -3.98
CA GLU B 9 9.17 5.72 -3.19
C GLU B 9 8.65 5.84 -1.78
N GLU B 10 7.58 5.11 -1.48
CA GLU B 10 6.98 5.07 -0.15
C GLU B 10 7.65 4.00 0.69
N PHE B 11 8.27 3.04 0.00
CA PHE B 11 8.91 1.92 0.65
C PHE B 11 10.39 1.83 0.23
N HIS B 12 11.28 2.01 1.19
CA HIS B 12 12.72 1.93 0.93
C HIS B 12 13.30 0.64 1.48
N LYS B 13 13.42 -0.37 0.63
CA LYS B 13 13.75 -1.73 1.05
C LYS B 13 15.08 -1.81 1.80
N GLU B 14 16.13 -1.27 1.17
CA GLU B 14 17.47 -1.31 1.75
C GLU B 14 17.53 -0.60 3.09
N GLN B 15 16.93 0.59 3.17
CA GLN B 15 16.98 1.38 4.41
C GLN B 15 16.17 0.68 5.51
N CYS B 16 15.07 0.03 5.11
CA CYS B 16 14.27 -0.73 6.08
C CYS B 16 15.04 -1.93 6.65
N LEU B 17 15.75 -2.65 5.80
CA LEU B 17 16.58 -3.74 6.28
C LEU B 17 17.69 -3.23 7.21
N SER B 18 18.25 -2.06 6.91
CA SER B 18 19.30 -1.48 7.75
C SER B 18 18.78 -1.11 9.15
N PHE B 19 17.62 -0.47 9.19
CA PHE B 19 16.93 -0.18 10.43
C PHE B 19 16.66 -1.43 11.28
N VAL B 20 16.17 -2.49 10.64
CA VAL B 20 15.94 -3.73 11.35
C VAL B 20 17.25 -4.35 11.84
N LYS B 21 18.33 -4.18 11.07
CA LYS B 21 19.63 -4.69 11.51
C LYS B 21 20.15 -3.97 12.77
N LYS B 22 19.86 -2.67 12.88
CA LYS B 22 20.26 -1.92 14.08
C LYS B 22 19.41 -2.34 15.28
N LEU B 23 18.11 -2.51 15.06
CA LEU B 23 17.20 -3.01 16.09
C LEU B 23 17.64 -4.38 16.60
N TRP B 24 17.98 -5.24 15.65
CA TRP B 24 18.43 -6.59 15.93
C TRP B 24 19.61 -6.56 16.90
N ALA B 25 20.51 -5.60 16.69
CA ALA B 25 21.67 -5.43 17.54
C ALA B 25 21.34 -4.79 18.89
N ALA B 26 20.44 -3.81 18.85
CA ALA B 26 20.07 -3.09 20.06
C ALA B 26 19.31 -4.00 21.02
N ASP B 27 18.75 -5.07 20.47
CA ASP B 27 18.00 -6.05 21.24
C ASP B 27 19.00 -6.89 22.02
N THR B 28 19.37 -6.41 23.21
CA THR B 28 20.48 -7.01 23.94
C THR B 28 20.14 -8.36 24.57
N LEU B 29 18.86 -8.73 24.60
CA LEU B 29 18.51 -10.04 25.14
C LEU B 29 18.12 -11.01 24.03
N ALA B 30 18.21 -10.54 22.79
CA ALA B 30 17.70 -11.27 21.63
C ALA B 30 16.27 -11.71 21.84
N MET B 31 15.47 -10.88 22.48
CA MET B 31 14.10 -11.32 22.78
C MET B 31 13.20 -11.19 21.56
N PHE B 32 13.58 -10.32 20.63
CA PHE B 32 12.72 -9.97 19.52
C PHE B 32 13.15 -10.62 18.20
N HIS B 33 14.16 -11.48 18.24
CA HIS B 33 14.74 -12.00 17.00
C HIS B 33 13.82 -12.95 16.21
N TYR B 34 13.09 -13.81 16.92
CA TYR B 34 12.25 -14.85 16.28
C TYR B 34 10.87 -14.91 16.96
N PRO B 35 9.87 -15.50 16.28
CA PRO B 35 8.61 -15.75 16.97
C PRO B 35 8.83 -16.48 18.29
N VAL B 36 8.03 -16.13 19.28
CA VAL B 36 8.13 -16.72 20.60
C VAL B 36 7.74 -18.18 20.54
N SER B 37 8.52 -19.05 21.19
CA SER B 37 8.11 -20.43 21.36
C SER B 37 7.48 -20.60 22.73
N ALA B 38 6.22 -21.04 22.70
CA ALA B 38 5.43 -21.23 23.91
C ALA B 38 6.18 -22.08 24.94
N THR B 39 6.99 -23.03 24.47
CA THR B 39 7.72 -23.88 25.41
C THR B 39 8.93 -23.17 26.01
N GLU B 40 9.30 -22.01 25.47
CA GLU B 40 10.38 -21.20 26.06
C GLU B 40 9.85 -20.00 26.88
N VAL B 41 8.62 -19.60 26.57
CA VAL B 41 7.96 -18.51 27.28
C VAL B 41 6.56 -19.03 27.53
N PRO B 42 6.40 -19.85 28.58
CA PRO B 42 5.10 -20.47 28.83
C PRO B 42 4.00 -19.44 29.08
N GLY B 43 2.82 -19.70 28.52
CA GLY B 43 1.69 -18.79 28.67
C GLY B 43 1.67 -17.63 27.70
N TYR B 44 2.68 -17.55 26.85
CA TYR B 44 2.83 -16.36 26.01
C TYR B 44 1.64 -16.14 25.07
N TYR B 45 1.15 -17.20 24.44
CA TYR B 45 0.10 -16.99 23.44
C TYR B 45 -1.30 -16.98 24.05
N ASP B 46 -1.37 -17.21 25.36
CA ASP B 46 -2.62 -16.98 26.08
C ASP B 46 -2.81 -15.50 26.35
N VAL B 47 -1.73 -14.73 26.22
CA VAL B 47 -1.74 -13.31 26.55
C VAL B 47 -1.68 -12.44 25.31
N VAL B 48 -0.80 -12.80 24.38
CA VAL B 48 -0.55 -11.96 23.22
C VAL B 48 -1.36 -12.44 22.01
N ASP B 49 -2.25 -11.57 21.52
CA ASP B 49 -3.15 -11.88 20.40
C ASP B 49 -2.47 -11.91 19.04
N THR B 50 -1.65 -10.89 18.80
CA THR B 50 -1.04 -10.71 17.48
C THR B 50 0.48 -10.61 17.59
N PRO B 51 1.15 -11.74 17.57
CA PRO B 51 2.61 -11.76 17.71
C PRO B 51 3.31 -11.09 16.55
N MET B 52 4.46 -10.51 16.83
CA MET B 52 5.26 -9.87 15.80
C MET B 52 6.69 -9.91 16.29
N ASP B 53 7.63 -10.14 15.37
CA ASP B 53 9.06 -10.24 15.68
C ASP B 53 9.90 -9.68 14.53
N LEU B 54 11.20 -9.50 14.76
CA LEU B 54 12.08 -8.89 13.79
C LEU B 54 12.31 -9.77 12.56
N SER B 55 12.29 -11.08 12.73
CA SER B 55 12.46 -11.99 11.59
C SER B 55 11.25 -11.93 10.66
N THR B 56 10.06 -11.88 11.26
CA THR B 56 8.83 -11.75 10.48
C THR B 56 8.87 -10.43 9.71
N ILE B 57 9.33 -9.37 10.36
CA ILE B 57 9.46 -8.06 9.70
C ILE B 57 10.48 -8.13 8.56
N ARG B 58 11.66 -8.67 8.83
CA ARG B 58 12.71 -8.84 7.79
CA ARG B 58 12.70 -8.83 7.82
C ARG B 58 12.17 -9.57 6.57
N LYS B 59 11.43 -10.64 6.83
CA LYS B 59 10.80 -11.44 5.78
C LYS B 59 9.79 -10.63 4.96
N ASN B 60 8.98 -9.82 5.63
CA ASN B 60 8.03 -8.98 4.91
C ASN B 60 8.76 -7.92 4.08
N ILE B 61 9.88 -7.43 4.59
CA ILE B 61 10.72 -6.50 3.84
C ILE B 61 11.36 -7.17 2.62
N GLU B 62 12.00 -8.31 2.84
CA GLU B 62 12.73 -9.00 1.77
C GLU B 62 11.80 -9.33 0.62
N GLN B 63 10.60 -9.80 0.93
CA GLN B 63 9.65 -10.20 -0.10
C GLN B 63 8.81 -9.04 -0.61
N GLY B 64 9.03 -7.84 -0.09
CA GLY B 64 8.32 -6.67 -0.56
C GLY B 64 6.82 -6.65 -0.30
N LYS B 65 6.40 -7.18 0.84
CA LYS B 65 4.98 -7.23 1.13
C LYS B 65 4.53 -5.95 1.82
N TYR B 66 5.45 -5.26 2.52
CA TYR B 66 5.16 -3.91 3.02
C TYR B 66 4.93 -2.98 1.84
N ARG B 67 3.91 -2.12 1.94
CA ARG B 67 3.60 -1.14 0.89
C ARG B 67 4.29 0.20 1.16
N THR B 68 4.54 0.47 2.44
CA THR B 68 5.15 1.73 2.83
C THR B 68 6.15 1.49 3.96
N ASP B 69 7.06 2.45 4.16
CA ASP B 69 7.95 2.44 5.30
C ASP B 69 7.16 2.48 6.58
N THR B 70 6.04 3.21 6.56
CA THR B 70 5.23 3.40 7.76
C THR B 70 4.63 2.09 8.28
N GLU B 71 4.36 1.15 7.38
CA GLU B 71 3.88 -0.17 7.81
C GLU B 71 4.96 -0.88 8.61
N VAL B 72 6.21 -0.68 8.23
CA VAL B 72 7.29 -1.31 8.99
C VAL B 72 7.29 -0.78 10.43
N GLU B 73 7.20 0.55 10.58
CA GLU B 73 7.08 1.15 11.91
C GLU B 73 5.87 0.58 12.67
N ASN B 74 4.76 0.35 11.97
CA ASN B 74 3.58 -0.17 12.63
C ASN B 74 3.87 -1.52 13.27
N ASP B 75 4.57 -2.38 12.53
CA ASP B 75 4.90 -3.70 13.05
C ASP B 75 5.96 -3.63 14.15
N VAL B 76 6.88 -2.68 14.06
CA VAL B 76 7.84 -2.51 15.17
C VAL B 76 7.13 -2.09 16.46
N VAL B 77 6.17 -1.18 16.31
CA VAL B 77 5.44 -0.64 17.44
C VAL B 77 4.59 -1.71 18.10
N LEU B 78 3.94 -2.53 17.27
CA LEU B 78 3.18 -3.67 17.77
C LEU B 78 4.09 -4.61 18.54
N MET B 79 5.22 -4.97 17.93
CA MET B 79 6.19 -5.87 18.55
C MET B 79 6.57 -5.38 19.95
N LEU B 80 6.82 -4.08 20.07
CA LEU B 80 7.22 -3.52 21.37
C LEU B 80 6.04 -3.49 22.35
N SER B 81 4.85 -3.16 21.84
CA SER B 81 3.63 -3.16 22.64
CA SER B 81 3.64 -3.16 22.65
C SER B 81 3.36 -4.54 23.25
N ASN B 82 3.52 -5.58 22.44
CA ASN B 82 3.31 -6.94 22.92
C ASN B 82 4.21 -7.23 24.11
N ALA B 83 5.47 -6.82 24.01
CA ALA B 83 6.44 -7.07 25.08
C ALA B 83 6.04 -6.33 26.34
N LEU B 84 5.75 -5.05 26.20
CA LEU B 84 5.40 -4.20 27.33
C LEU B 84 4.15 -4.73 28.02
N ASP B 85 3.28 -5.37 27.26
CA ASP B 85 2.07 -5.96 27.82
C ASP B 85 2.35 -7.28 28.53
N PHE B 86 2.95 -8.23 27.81
CA PHE B 86 3.16 -9.55 28.38
C PHE B 86 4.03 -9.52 29.62
N ASN B 87 5.09 -8.71 29.58
CA ASN B 87 6.08 -8.72 30.64
C ASN B 87 5.72 -7.82 31.81
N GLU B 88 6.17 -8.23 33.00
CA GLU B 88 6.00 -7.44 34.22
C GLU B 88 6.91 -6.23 34.26
N LYS B 89 6.34 -5.10 34.69
CA LYS B 89 7.11 -3.90 34.92
C LYS B 89 8.27 -4.25 35.84
N GLY B 90 9.46 -3.79 35.48
CA GLY B 90 10.65 -4.00 36.30
C GLY B 90 11.49 -5.18 35.84
N SER B 91 10.91 -6.07 35.03
CA SER B 91 11.66 -7.21 34.53
C SER B 91 12.66 -6.77 33.46
N GLN B 92 13.67 -7.60 33.20
CA GLN B 92 14.67 -7.30 32.19
C GLN B 92 14.01 -7.18 30.81
N TRP B 93 13.04 -8.06 30.55
CA TRP B 93 12.32 -8.05 29.28
C TRP B 93 11.56 -6.75 29.10
N HIS B 94 10.90 -6.31 30.17
CA HIS B 94 10.08 -5.11 30.09
C HIS B 94 10.99 -3.88 29.95
N ASP B 95 12.06 -3.85 30.73
CA ASP B 95 13.04 -2.77 30.64
C ASP B 95 13.59 -2.61 29.21
N LEU B 96 13.96 -3.71 28.56
CA LEU B 96 14.52 -3.63 27.20
C LEU B 96 13.50 -3.08 26.20
N ALA B 97 12.26 -3.56 26.31
CA ALA B 97 11.18 -3.11 25.41
C ALA B 97 10.98 -1.60 25.55
N LYS B 98 10.98 -1.10 26.78
CA LYS B 98 10.91 0.35 27.02
C LYS B 98 12.05 1.09 26.33
N GLN B 99 13.28 0.64 26.54
CA GLN B 99 14.45 1.30 25.93
C GLN B 99 14.33 1.39 24.39
N LEU B 100 13.99 0.27 23.75
CA LEU B 100 13.82 0.25 22.30
C LEU B 100 12.63 1.08 21.86
N LYS B 101 11.59 1.12 22.69
CA LYS B 101 10.44 2.00 22.40
C LYS B 101 10.90 3.46 22.34
N LYS B 102 11.79 3.80 23.26
CA LYS B 102 12.33 5.14 23.36
C LYS B 102 13.33 5.45 22.24
N ARG B 103 13.98 4.43 21.69
CA ARG B 103 15.10 4.68 20.77
C ARG B 103 14.88 4.40 19.30
N TYR B 104 13.83 3.66 18.94
CA TYR B 104 13.78 3.11 17.58
C TYR B 104 13.74 4.20 16.52
N LEU B 105 13.08 5.33 16.81
CA LEU B 105 13.03 6.44 15.86
C LEU B 105 14.41 6.93 15.49
N THR B 106 15.32 7.04 16.47
CA THR B 106 16.71 7.34 16.15
C THR B 106 17.32 6.30 15.19
N LEU B 107 17.10 5.03 15.47
CA LEU B 107 17.70 3.97 14.64
C LEU B 107 17.18 4.08 13.21
N ALA B 108 15.91 4.46 13.12
CA ALA B 108 15.27 4.62 11.82
C ALA B 108 15.89 5.79 11.09
N GLN B 109 15.96 6.91 11.79
CA GLN B 109 16.62 8.11 11.28
C GLN B 109 18.04 7.83 10.79
N GLU B 110 18.80 7.10 11.59
CA GLU B 110 20.17 6.76 11.24
C GLU B 110 20.24 5.89 9.99
N SER B 111 19.16 5.17 9.70
CA SER B 111 19.11 4.27 8.54
C SER B 111 18.53 5.00 7.34
N GLY B 112 18.31 6.30 7.49
CA GLY B 112 17.73 7.12 6.44
C GLY B 112 16.21 7.07 6.31
N LEU B 113 15.51 6.63 7.36
CA LEU B 113 14.04 6.52 7.31
C LEU B 113 13.36 7.71 7.98
N SER B 114 12.14 8.03 7.54
CA SER B 114 11.42 9.21 8.04
C SER B 114 10.07 8.90 8.69
N PHE B 115 9.36 7.90 8.16
CA PHE B 115 8.06 7.49 8.71
C PHE B 115 7.03 8.63 8.65
#